data_1WB8
#
_entry.id   1WB8
#
_cell.length_a   76.266
_cell.length_b   124.324
_cell.length_c   60.268
_cell.angle_alpha   90.00
_cell.angle_beta   128.75
_cell.angle_gamma   90.00
#
_symmetry.space_group_name_H-M   'C 1 2 1'
#
loop_
_entity.id
_entity.type
_entity.pdbx_description
1 polymer 'SUPEROXIDE DISMUTASE [FE]'
2 non-polymer 'FE (III) ION'
3 non-polymer 'phenylmethanesulfonic acid'
4 water water
#
_entity_poly.entity_id   1
_entity_poly.type   'polypeptide(L)'
_entity_poly.pdbx_seq_one_letter_code
;TLQIQFKKYELPPLPYKIDALEPYISKDIIDVHYNGHHKGYVNGANSLLERLEKVVKGDLQTGQYDIQGIIRGLTFNING
HKLHALYWENMAPSGKGGGKPGGALADLINKQYGSFDRFKQVFTETANSLPGTGWAVLYYDTESGNLQIMTFENHFQNHI
AEIPIILILDEFEHAYYLQYKNKRADYVNAWWNVVNWDAAEKKLQKYLTK
;
_entity_poly.pdbx_strand_id   A,B
#
# COMPACT_ATOMS: atom_id res chain seq x y z
N ILE A 4 36.07 6.33 -4.17
CA ILE A 4 34.82 6.08 -4.96
C ILE A 4 33.59 6.16 -4.07
N GLN A 5 32.51 6.69 -4.61
CA GLN A 5 31.27 6.85 -3.87
C GLN A 5 30.14 7.29 -4.79
N PHE A 6 28.93 7.26 -4.24
CA PHE A 6 27.74 7.68 -4.96
C PHE A 6 27.30 8.97 -4.30
N LYS A 7 26.69 9.88 -5.06
CA LYS A 7 26.23 11.13 -4.47
C LYS A 7 24.92 10.83 -3.73
N LYS A 8 24.71 11.47 -2.58
CA LYS A 8 23.51 11.24 -1.79
C LYS A 8 22.37 12.17 -2.18
N TYR A 9 21.15 11.76 -1.85
CA TYR A 9 19.96 12.56 -2.15
C TYR A 9 19.69 13.57 -1.04
N GLU A 10 19.03 14.66 -1.38
CA GLU A 10 18.70 15.70 -0.42
C GLU A 10 17.21 16.01 -0.37
N LEU A 11 16.69 16.22 0.83
CA LEU A 11 15.28 16.53 0.99
C LEU A 11 15.05 17.95 0.48
N PRO A 12 14.16 18.11 -0.51
CA PRO A 12 13.88 19.44 -1.07
C PRO A 12 12.94 20.18 -0.12
N PRO A 13 13.00 21.52 -0.10
CA PRO A 13 12.13 22.28 0.79
C PRO A 13 10.69 22.28 0.26
N LEU A 14 9.73 22.30 1.19
CA LEU A 14 8.32 22.33 0.83
C LEU A 14 8.09 23.72 0.24
N PRO A 15 7.43 23.81 -0.93
CA PRO A 15 7.17 25.10 -1.58
C PRO A 15 6.12 26.01 -0.95
N TYR A 16 5.63 25.65 0.23
CA TYR A 16 4.61 26.44 0.93
C TYR A 16 4.49 25.98 2.37
N LYS A 17 3.66 26.67 3.15
CA LYS A 17 3.44 26.35 4.55
C LYS A 17 2.68 25.03 4.64
N ILE A 18 2.89 24.28 5.71
CA ILE A 18 2.23 22.99 5.86
C ILE A 18 0.69 23.09 5.90
N ASP A 19 0.17 24.29 6.12
CA ASP A 19 -1.29 24.47 6.19
C ASP A 19 -1.86 25.17 4.96
N ALA A 20 -1.02 25.40 3.96
CA ALA A 20 -1.44 26.09 2.74
C ALA A 20 -2.45 25.35 1.86
N LEU A 21 -2.57 24.04 2.06
CA LEU A 21 -3.49 23.26 1.23
C LEU A 21 -4.85 23.04 1.88
N GLU A 22 -5.06 23.63 3.06
CA GLU A 22 -6.34 23.49 3.73
C GLU A 22 -7.40 24.27 2.96
N PRO A 23 -8.67 23.86 3.05
CA PRO A 23 -9.19 22.72 3.82
C PRO A 23 -9.19 21.38 3.09
N TYR A 24 -8.56 21.33 1.92
CA TYR A 24 -8.53 20.10 1.14
C TYR A 24 -7.60 19.02 1.69
N ILE A 25 -6.46 19.43 2.23
CA ILE A 25 -5.51 18.51 2.83
C ILE A 25 -5.01 19.21 4.08
N SER A 26 -5.39 18.67 5.24
CA SER A 26 -5.04 19.28 6.52
C SER A 26 -3.55 19.35 6.79
N LYS A 27 -3.16 20.35 7.59
CA LYS A 27 -1.76 20.53 7.94
C LYS A 27 -1.23 19.31 8.70
N ASP A 28 -2.11 18.61 9.41
CA ASP A 28 -1.71 17.42 10.16
C ASP A 28 -1.12 16.36 9.23
N ILE A 29 -1.75 16.21 8.07
CA ILE A 29 -1.28 15.24 7.09
C ILE A 29 0.02 15.71 6.46
N ILE A 30 0.04 16.93 5.94
CA ILE A 30 1.23 17.48 5.29
C ILE A 30 2.48 17.41 6.18
N ASP A 31 2.30 17.73 7.44
CA ASP A 31 3.40 17.72 8.40
C ASP A 31 4.11 16.35 8.45
N VAL A 32 3.36 15.31 8.78
CA VAL A 32 3.94 13.96 8.86
C VAL A 32 4.30 13.41 7.48
N HIS A 33 3.54 13.80 6.47
CA HIS A 33 3.79 13.32 5.11
C HIS A 33 5.15 13.79 4.60
N TYR A 34 5.49 15.04 4.90
CA TYR A 34 6.75 15.63 4.47
C TYR A 34 7.89 15.33 5.44
N ASN A 35 7.68 15.63 6.71
CA ASN A 35 8.70 15.42 7.75
C ASN A 35 8.89 13.98 8.17
N GLY A 36 7.89 13.14 7.91
CA GLY A 36 8.01 11.74 8.30
C GLY A 36 8.32 10.84 7.12
N HIS A 37 7.33 10.69 6.25
CA HIS A 37 7.44 9.83 5.09
C HIS A 37 8.50 10.23 4.06
N HIS A 38 8.39 11.43 3.49
CA HIS A 38 9.35 11.86 2.48
C HIS A 38 10.77 11.88 3.03
N LYS A 39 10.96 12.44 4.22
CA LYS A 39 12.30 12.47 4.80
C LYS A 39 12.81 11.04 4.96
N GLY A 40 11.91 10.13 5.37
CA GLY A 40 12.28 8.73 5.54
C GLY A 40 12.83 8.07 4.29
N TYR A 41 12.29 8.43 3.12
CA TYR A 41 12.77 7.86 1.84
C TYR A 41 14.11 8.51 1.52
N VAL A 42 14.38 9.79 1.77
CA VAL A 42 15.71 10.32 1.46
C VAL A 42 16.75 9.57 2.30
N ASN A 43 16.46 9.43 3.58
CA ASN A 43 17.35 8.72 4.50
C ASN A 43 17.52 7.25 4.11
N GLY A 44 16.42 6.60 3.76
CA GLY A 44 16.48 5.19 3.38
C GLY A 44 17.30 4.98 2.11
N ALA A 45 17.16 5.89 1.15
CA ALA A 45 17.91 5.76 -0.08
C ALA A 45 19.40 5.95 0.19
N ASN A 46 19.75 7.04 0.87
CA ASN A 46 21.15 7.31 1.17
C ASN A 46 21.79 6.19 1.96
N SER A 47 21.06 5.65 2.93
CA SER A 47 21.56 4.54 3.74
C SER A 47 21.91 3.34 2.85
N LEU A 48 21.05 3.02 1.89
CA LEU A 48 21.30 1.89 0.99
C LEU A 48 22.41 2.17 -0.02
N LEU A 49 22.58 3.43 -0.42
CA LEU A 49 23.64 3.76 -1.36
C LEU A 49 24.98 3.50 -0.68
N GLU A 50 25.06 3.84 0.61
CA GLU A 50 26.28 3.63 1.36
C GLU A 50 26.59 2.16 1.51
N ARG A 51 25.54 1.35 1.61
CA ARG A 51 25.73 -0.09 1.74
C ARG A 51 26.19 -0.65 0.41
N LEU A 52 25.63 -0.12 -0.68
CA LEU A 52 26.00 -0.57 -2.01
C LEU A 52 27.45 -0.19 -2.31
N GLU A 53 27.87 0.96 -1.80
CA GLU A 53 29.26 1.41 -1.98
C GLU A 53 30.18 0.38 -1.37
N LYS A 54 29.81 -0.14 -0.21
CA LYS A 54 30.62 -1.14 0.47
C LYS A 54 30.73 -2.42 -0.35
N VAL A 55 29.67 -2.77 -1.07
CA VAL A 55 29.69 -3.96 -1.91
C VAL A 55 30.64 -3.70 -3.08
N VAL A 56 30.55 -2.51 -3.67
CA VAL A 56 31.41 -2.14 -4.79
C VAL A 56 32.88 -2.10 -4.39
N LYS A 57 33.18 -1.49 -3.25
CA LYS A 57 34.57 -1.39 -2.78
C LYS A 57 35.13 -2.72 -2.28
N GLY A 58 34.27 -3.62 -1.85
CA GLY A 58 34.75 -4.90 -1.35
C GLY A 58 34.81 -4.97 0.16
N ASP A 59 34.31 -3.95 0.85
CA ASP A 59 34.31 -3.95 2.31
C ASP A 59 33.32 -5.01 2.77
N LEU A 60 32.36 -5.33 1.90
CA LEU A 60 31.38 -6.36 2.19
C LEU A 60 31.71 -7.50 1.24
N GLN A 61 32.09 -8.65 1.79
CA GLN A 61 32.45 -9.79 0.96
C GLN A 61 31.21 -10.59 0.55
N THR A 62 31.38 -11.48 -0.41
CA THR A 62 30.27 -12.30 -0.86
C THR A 62 29.78 -13.12 0.32
N GLY A 63 28.46 -13.16 0.52
CA GLY A 63 27.90 -13.90 1.63
C GLY A 63 27.57 -12.96 2.77
N GLN A 64 27.92 -11.68 2.61
CA GLN A 64 27.65 -10.69 3.64
C GLN A 64 26.59 -9.70 3.19
N TYR A 65 25.88 -10.04 2.13
CA TYR A 65 24.82 -9.18 1.61
C TYR A 65 23.98 -9.98 0.62
N ASP A 66 22.78 -9.50 0.36
CA ASP A 66 21.88 -10.14 -0.58
C ASP A 66 21.48 -9.05 -1.56
N ILE A 67 22.18 -9.01 -2.69
CA ILE A 67 21.99 -7.98 -3.70
C ILE A 67 20.54 -7.57 -4.05
N GLN A 68 19.63 -8.52 -4.22
CA GLN A 68 18.25 -8.14 -4.53
C GLN A 68 17.59 -7.30 -3.42
N GLY A 69 18.00 -7.53 -2.18
CA GLY A 69 17.44 -6.75 -1.10
C GLY A 69 17.85 -5.29 -1.21
N ILE A 70 19.10 -5.07 -1.61
CA ILE A 70 19.63 -3.72 -1.77
C ILE A 70 19.05 -3.01 -2.99
N ILE A 71 19.10 -3.68 -4.14
CA ILE A 71 18.59 -3.12 -5.39
C ILE A 71 17.08 -2.83 -5.33
N ARG A 72 16.29 -3.79 -4.85
CA ARG A 72 14.85 -3.57 -4.76
C ARG A 72 14.54 -2.50 -3.73
N GLY A 73 15.35 -2.43 -2.67
CA GLY A 73 15.15 -1.43 -1.64
C GLY A 73 15.46 -0.02 -2.18
N LEU A 74 16.38 0.05 -3.14
CA LEU A 74 16.73 1.35 -3.73
C LEU A 74 15.62 1.88 -4.64
N THR A 75 15.01 1.02 -5.45
CA THR A 75 13.94 1.49 -6.32
C THR A 75 12.75 1.94 -5.47
N PHE A 76 12.55 1.29 -4.34
CA PHE A 76 11.46 1.65 -3.43
C PHE A 76 11.70 3.04 -2.83
N ASN A 77 12.87 3.21 -2.22
CA ASN A 77 13.23 4.48 -1.58
C ASN A 77 13.51 5.63 -2.54
N ILE A 78 14.22 5.36 -3.64
CA ILE A 78 14.51 6.43 -4.59
C ILE A 78 13.22 6.96 -5.22
N ASN A 79 12.31 6.07 -5.59
CA ASN A 79 11.04 6.51 -6.16
C ASN A 79 10.21 7.17 -5.08
N GLY A 80 10.32 6.65 -3.85
CA GLY A 80 9.59 7.24 -2.75
C GLY A 80 9.98 8.71 -2.66
N HIS A 81 11.26 8.99 -2.82
CA HIS A 81 11.75 10.36 -2.77
C HIS A 81 11.36 11.18 -4.00
N LYS A 82 11.73 10.71 -5.19
CA LYS A 82 11.43 11.45 -6.41
C LYS A 82 9.94 11.72 -6.60
N LEU A 83 9.09 10.73 -6.36
CA LEU A 83 7.66 10.92 -6.55
C LEU A 83 7.05 11.94 -5.58
N HIS A 84 7.52 11.97 -4.34
CA HIS A 84 6.98 12.94 -3.40
C HIS A 84 7.43 14.35 -3.76
N ALA A 85 8.65 14.48 -4.29
CA ALA A 85 9.19 15.78 -4.70
C ALA A 85 8.32 16.35 -5.80
N LEU A 86 7.88 15.49 -6.72
CA LEU A 86 7.02 15.92 -7.81
C LEU A 86 5.64 16.28 -7.27
N TYR A 87 5.18 15.50 -6.30
CA TYR A 87 3.86 15.71 -5.68
C TYR A 87 3.70 17.11 -5.06
N TRP A 88 4.66 17.51 -4.22
CA TRP A 88 4.60 18.82 -3.58
C TRP A 88 4.54 19.95 -4.61
N GLU A 89 5.40 19.87 -5.63
CA GLU A 89 5.48 20.88 -6.69
C GLU A 89 4.23 20.88 -7.58
N ASN A 90 3.49 19.79 -7.56
CA ASN A 90 2.31 19.68 -8.39
C ASN A 90 1.05 20.24 -7.73
N MET A 91 1.18 20.78 -6.54
CA MET A 91 0.04 21.37 -5.84
C MET A 91 0.34 22.82 -5.47
N ALA A 92 -0.69 23.55 -5.06
CA ALA A 92 -0.55 24.95 -4.69
C ALA A 92 -1.79 25.39 -3.89
N PRO A 93 -1.65 26.42 -3.05
CA PRO A 93 -2.78 26.91 -2.25
C PRO A 93 -4.01 27.20 -3.11
N SER A 94 -5.20 26.93 -2.60
CA SER A 94 -6.42 27.20 -3.35
C SER A 94 -6.40 28.68 -3.72
N GLY A 95 -6.63 28.95 -5.00
CA GLY A 95 -6.58 30.32 -5.49
C GLY A 95 -5.51 30.28 -6.56
N LYS A 96 -4.30 29.91 -6.14
CA LYS A 96 -3.19 29.80 -7.07
C LYS A 96 -3.37 28.46 -7.79
N GLY A 97 -3.79 27.44 -7.04
CA GLY A 97 -4.01 26.13 -7.61
C GLY A 97 -5.46 25.90 -7.99
N GLY A 98 -5.78 24.69 -8.43
CA GLY A 98 -7.15 24.40 -8.83
C GLY A 98 -7.50 25.10 -10.13
N GLY A 99 -8.78 25.10 -10.46
CA GLY A 99 -9.20 25.77 -11.69
C GLY A 99 -9.07 24.89 -12.91
N LYS A 100 -8.71 25.49 -14.03
CA LYS A 100 -8.55 24.77 -15.29
C LYS A 100 -7.18 25.05 -15.89
N PRO A 101 -6.68 24.14 -16.72
CA PRO A 101 -5.35 24.35 -17.32
C PRO A 101 -5.47 25.27 -18.54
N GLY A 102 -4.34 25.86 -18.93
CA GLY A 102 -4.32 26.74 -20.08
C GLY A 102 -3.14 26.38 -20.98
N GLY A 103 -2.72 27.33 -21.81
CA GLY A 103 -1.58 27.09 -22.68
C GLY A 103 -1.68 25.82 -23.50
N ALA A 104 -0.52 25.23 -23.79
CA ALA A 104 -0.44 24.01 -24.58
C ALA A 104 -1.07 22.79 -23.90
N LEU A 105 -0.95 22.69 -22.59
CA LEU A 105 -1.52 21.56 -21.86
C LEU A 105 -3.04 21.49 -22.08
N ALA A 106 -3.69 22.64 -22.04
CA ALA A 106 -5.13 22.72 -22.26
C ALA A 106 -5.44 22.24 -23.67
N ASP A 107 -4.59 22.65 -24.61
CA ASP A 107 -4.73 22.31 -26.01
C ASP A 107 -4.68 20.80 -26.27
N LEU A 108 -3.63 20.16 -25.76
CA LEU A 108 -3.46 18.73 -25.94
C LEU A 108 -4.61 17.96 -25.29
N ILE A 109 -5.05 18.42 -24.13
CA ILE A 109 -6.16 17.76 -23.44
C ILE A 109 -7.43 17.79 -24.30
N ASN A 110 -7.68 18.94 -24.93
CA ASN A 110 -8.86 19.08 -25.78
C ASN A 110 -8.77 18.18 -27.01
N LYS A 111 -7.58 18.05 -27.58
CA LYS A 111 -7.41 17.22 -28.78
C LYS A 111 -7.48 15.72 -28.52
N GLN A 112 -7.06 15.31 -27.33
CA GLN A 112 -7.05 13.90 -26.99
C GLN A 112 -8.21 13.41 -26.15
N TYR A 113 -8.77 14.28 -25.33
CA TYR A 113 -9.89 13.88 -24.48
C TYR A 113 -11.20 14.58 -24.81
N GLY A 114 -11.13 15.57 -25.70
CA GLY A 114 -12.33 16.29 -26.10
C GLY A 114 -12.56 17.55 -25.27
N SER A 115 -12.23 17.50 -23.99
CA SER A 115 -12.42 18.65 -23.11
C SER A 115 -11.79 18.37 -21.75
N PHE A 116 -11.56 19.42 -20.98
CA PHE A 116 -10.99 19.25 -19.66
C PHE A 116 -11.96 18.44 -18.79
N ASP A 117 -13.26 18.72 -18.93
CA ASP A 117 -14.31 18.02 -18.17
C ASP A 117 -14.23 16.50 -18.38
N ARG A 118 -14.14 16.08 -19.62
CA ARG A 118 -14.09 14.66 -19.92
C ARG A 118 -12.80 14.06 -19.37
N PHE A 119 -11.70 14.77 -19.57
CA PHE A 119 -10.40 14.31 -19.07
C PHE A 119 -10.47 14.07 -17.58
N LYS A 120 -11.07 15.02 -16.88
CA LYS A 120 -11.22 14.98 -15.44
C LYS A 120 -12.00 13.73 -15.00
N GLN A 121 -13.04 13.37 -15.74
CA GLN A 121 -13.86 12.21 -15.43
C GLN A 121 -13.07 10.92 -15.60
N VAL A 122 -12.34 10.82 -16.71
CA VAL A 122 -11.54 9.63 -17.00
C VAL A 122 -10.38 9.44 -16.02
N PHE A 123 -9.73 10.55 -15.64
CA PHE A 123 -8.61 10.48 -14.73
C PHE A 123 -9.10 10.06 -13.33
N THR A 124 -10.22 10.63 -12.92
CA THR A 124 -10.81 10.34 -11.62
C THR A 124 -11.24 8.87 -11.57
N GLU A 125 -11.87 8.40 -12.63
CA GLU A 125 -12.32 7.02 -12.70
C GLU A 125 -11.12 6.07 -12.59
N THR A 126 -10.06 6.38 -13.34
CA THR A 126 -8.84 5.59 -13.34
C THR A 126 -8.17 5.59 -11.98
N ALA A 127 -8.10 6.75 -11.34
CA ALA A 127 -7.46 6.87 -10.03
C ALA A 127 -8.22 6.09 -8.95
N ASN A 128 -9.54 6.04 -9.06
CA ASN A 128 -10.33 5.31 -8.06
C ASN A 128 -10.30 3.81 -8.27
N SER A 129 -9.83 3.37 -9.43
CA SER A 129 -9.78 1.93 -9.73
C SER A 129 -8.52 1.25 -9.22
N LEU A 130 -7.52 2.04 -8.81
CA LEU A 130 -6.26 1.48 -8.32
C LEU A 130 -6.48 0.51 -7.17
N PRO A 131 -6.09 -0.77 -7.35
CA PRO A 131 -6.24 -1.79 -6.33
C PRO A 131 -5.17 -1.75 -5.25
N GLY A 132 -5.36 -0.93 -4.23
CA GLY A 132 -4.37 -0.83 -3.17
C GLY A 132 -3.70 0.52 -3.14
N THR A 133 -2.49 0.58 -2.59
CA THR A 133 -1.78 1.84 -2.51
C THR A 133 -0.93 2.09 -3.76
N GLY A 134 -0.76 3.36 -4.10
CA GLY A 134 0.01 3.71 -5.28
C GLY A 134 -0.17 5.15 -5.69
N TRP A 135 -0.07 5.42 -6.99
CA TRP A 135 -0.20 6.77 -7.53
C TRP A 135 -0.99 6.78 -8.84
N ALA A 136 -1.50 7.94 -9.18
CA ALA A 136 -2.23 8.13 -10.43
C ALA A 136 -1.41 9.23 -11.09
N VAL A 137 -0.96 9.02 -12.31
CA VAL A 137 -0.18 10.04 -12.97
C VAL A 137 -0.59 10.28 -14.42
N LEU A 138 -0.21 11.44 -14.93
CA LEU A 138 -0.46 11.79 -16.31
C LEU A 138 0.92 12.00 -16.90
N TYR A 139 1.27 11.17 -17.88
CA TYR A 139 2.56 11.28 -18.55
C TYR A 139 2.43 12.08 -19.83
N TYR A 140 3.59 12.53 -20.32
CA TYR A 140 3.65 13.18 -21.61
C TYR A 140 4.66 12.30 -22.31
N ASP A 141 4.20 11.44 -23.21
CA ASP A 141 5.09 10.55 -23.92
C ASP A 141 5.76 11.35 -25.03
N THR A 142 7.07 11.58 -24.89
CA THR A 142 7.80 12.35 -25.88
C THR A 142 7.87 11.65 -27.23
N GLU A 143 7.62 10.34 -27.25
CA GLU A 143 7.67 9.59 -28.50
C GLU A 143 6.41 9.75 -29.35
N SER A 144 5.25 9.56 -28.74
CA SER A 144 3.98 9.63 -29.45
C SER A 144 3.28 10.98 -29.32
N GLY A 145 3.57 11.71 -28.26
CA GLY A 145 2.92 12.99 -28.04
C GLY A 145 1.65 12.80 -27.23
N ASN A 146 1.39 11.57 -26.82
CA ASN A 146 0.19 11.26 -26.04
C ASN A 146 0.27 11.64 -24.57
N LEU A 147 -0.83 12.12 -24.03
CA LEU A 147 -0.91 12.43 -22.61
C LEU A 147 -1.46 11.11 -22.04
N GLN A 148 -0.54 10.24 -21.64
CA GLN A 148 -0.88 8.91 -21.13
C GLN A 148 -1.16 8.80 -19.64
N ILE A 149 -2.38 8.36 -19.30
CA ILE A 149 -2.77 8.17 -17.91
C ILE A 149 -2.20 6.83 -17.44
N MET A 150 -1.84 6.74 -16.16
CA MET A 150 -1.29 5.51 -15.62
C MET A 150 -1.43 5.46 -14.11
N THR A 151 -1.64 4.26 -13.58
CA THR A 151 -1.71 4.07 -12.12
C THR A 151 -0.48 3.24 -11.71
N PHE A 152 0.24 3.69 -10.69
CA PHE A 152 1.40 2.96 -10.19
C PHE A 152 0.94 2.16 -8.96
N GLU A 153 1.55 1.01 -8.72
CA GLU A 153 1.23 0.22 -7.54
C GLU A 153 2.50 0.40 -6.70
N ASN A 154 2.34 0.71 -5.42
CA ASN A 154 3.47 1.00 -4.55
C ASN A 154 4.15 2.21 -5.24
N HIS A 155 5.45 2.41 -5.05
CA HIS A 155 6.13 3.55 -5.66
C HIS A 155 6.89 3.17 -6.94
N PHE A 156 7.08 1.88 -7.15
CA PHE A 156 7.89 1.42 -8.27
C PHE A 156 7.31 0.46 -9.30
N GLN A 157 6.00 0.25 -9.31
CA GLN A 157 5.46 -0.67 -10.31
C GLN A 157 4.51 0.05 -11.26
N ASN A 158 4.63 -0.30 -12.54
CA ASN A 158 3.81 0.23 -13.63
C ASN A 158 4.33 1.49 -14.34
N HIS A 159 5.52 1.96 -13.98
CA HIS A 159 6.07 3.15 -14.63
C HIS A 159 6.28 2.87 -16.11
N ILE A 160 6.44 3.95 -16.88
CA ILE A 160 6.73 3.85 -18.30
C ILE A 160 8.10 4.50 -18.43
N ALA A 161 9.04 3.79 -19.02
CA ALA A 161 10.41 4.26 -19.16
C ALA A 161 10.66 5.66 -19.71
N GLU A 162 11.60 6.35 -19.06
CA GLU A 162 12.09 7.66 -19.44
C GLU A 162 11.19 8.89 -19.63
N ILE A 163 9.90 8.70 -19.93
CA ILE A 163 9.07 9.89 -20.17
C ILE A 163 8.72 10.69 -18.92
N PRO A 164 8.50 12.01 -19.09
CA PRO A 164 8.16 12.94 -18.01
C PRO A 164 6.75 12.84 -17.44
N ILE A 165 6.66 13.07 -16.13
CA ILE A 165 5.39 13.04 -15.40
C ILE A 165 4.87 14.48 -15.30
N ILE A 166 3.66 14.71 -15.79
CA ILE A 166 3.04 16.03 -15.79
C ILE A 166 2.12 16.25 -14.59
N LEU A 167 1.33 15.24 -14.26
CA LEU A 167 0.41 15.30 -13.12
C LEU A 167 0.64 14.07 -12.26
N ILE A 168 0.61 14.24 -10.95
CA ILE A 168 0.83 13.12 -10.05
C ILE A 168 -0.02 13.23 -8.79
N LEU A 169 -0.73 12.16 -8.49
CA LEU A 169 -1.57 12.12 -7.30
C LEU A 169 -1.16 10.96 -6.39
N ASP A 170 -0.78 11.28 -5.16
CA ASP A 170 -0.38 10.25 -4.20
C ASP A 170 -1.62 9.52 -3.69
N GLU A 171 -1.66 8.20 -3.85
CA GLU A 171 -2.81 7.45 -3.39
C GLU A 171 -2.49 6.43 -2.29
N PHE A 172 -1.45 6.70 -1.51
CA PHE A 172 -1.12 5.83 -0.39
C PHE A 172 -2.10 6.32 0.67
N GLU A 173 -2.50 5.42 1.57
CA GLU A 173 -3.45 5.80 2.60
C GLU A 173 -2.96 6.94 3.49
N HIS A 174 -1.64 7.05 3.68
CA HIS A 174 -1.12 8.12 4.53
C HIS A 174 -1.35 9.50 3.95
N ALA A 175 -1.63 9.58 2.65
CA ALA A 175 -1.84 10.88 2.03
C ALA A 175 -3.21 11.47 2.35
N TYR A 176 -4.11 10.67 2.92
CA TYR A 176 -5.45 11.17 3.19
C TYR A 176 -6.19 10.59 4.40
N TYR A 177 -5.72 9.46 4.92
CA TYR A 177 -6.42 8.78 6.02
C TYR A 177 -6.83 9.60 7.24
N LEU A 178 -5.91 10.39 7.77
CA LEU A 178 -6.21 11.20 8.95
C LEU A 178 -7.42 12.10 8.79
N GLN A 179 -7.64 12.59 7.57
CA GLN A 179 -8.76 13.48 7.30
C GLN A 179 -9.95 12.81 6.65
N TYR A 180 -9.69 11.94 5.67
CA TYR A 180 -10.77 11.29 4.95
C TYR A 180 -11.04 9.83 5.31
N LYS A 181 -10.21 9.26 6.19
CA LYS A 181 -10.37 7.86 6.55
C LYS A 181 -10.35 7.00 5.29
N ASN A 182 -11.29 6.06 5.19
CA ASN A 182 -11.38 5.16 4.04
C ASN A 182 -12.06 5.76 2.81
N LYS A 183 -12.46 7.03 2.89
CA LYS A 183 -13.12 7.68 1.77
C LYS A 183 -12.12 8.25 0.75
N ARG A 184 -11.32 7.36 0.16
CA ARG A 184 -10.31 7.79 -0.79
C ARG A 184 -10.88 8.66 -1.91
N ALA A 185 -12.04 8.29 -2.45
CA ALA A 185 -12.67 9.02 -3.53
C ALA A 185 -12.94 10.49 -3.22
N ASP A 186 -13.26 10.79 -1.96
CA ASP A 186 -13.53 12.18 -1.59
C ASP A 186 -12.23 12.97 -1.65
N TYR A 187 -11.13 12.27 -1.37
CA TYR A 187 -9.80 12.87 -1.39
C TYR A 187 -9.42 13.21 -2.83
N VAL A 188 -9.71 12.29 -3.74
CA VAL A 188 -9.40 12.51 -5.14
C VAL A 188 -10.17 13.71 -5.68
N ASN A 189 -11.44 13.84 -5.26
CA ASN A 189 -12.26 14.96 -5.71
C ASN A 189 -11.76 16.28 -5.15
N ALA A 190 -11.34 16.27 -3.88
CA ALA A 190 -10.84 17.48 -3.26
C ALA A 190 -9.53 17.92 -3.88
N TRP A 191 -8.75 16.95 -4.32
CA TRP A 191 -7.44 17.20 -4.92
C TRP A 191 -7.44 18.16 -6.11
N TRP A 192 -8.46 18.09 -6.96
CA TRP A 192 -8.52 18.95 -8.13
C TRP A 192 -8.48 20.44 -7.79
N ASN A 193 -8.86 20.79 -6.56
CA ASN A 193 -8.88 22.17 -6.13
C ASN A 193 -7.50 22.74 -5.79
N VAL A 194 -6.49 21.90 -5.72
CA VAL A 194 -5.14 22.37 -5.41
C VAL A 194 -4.10 22.02 -6.46
N VAL A 195 -4.53 21.51 -7.61
CA VAL A 195 -3.58 21.16 -8.66
C VAL A 195 -2.89 22.40 -9.20
N ASN A 196 -1.58 22.33 -9.34
CA ASN A 196 -0.81 23.46 -9.84
C ASN A 196 -0.70 23.38 -11.36
N TRP A 197 -1.74 23.84 -12.06
CA TRP A 197 -1.72 23.80 -13.53
C TRP A 197 -0.59 24.63 -14.15
N ASP A 198 -0.20 25.72 -13.51
CA ASP A 198 0.89 26.53 -14.04
C ASP A 198 2.20 25.73 -14.05
N ALA A 199 2.49 25.05 -12.94
CA ALA A 199 3.72 24.26 -12.86
C ALA A 199 3.68 23.13 -13.90
N ALA A 200 2.52 22.49 -14.06
CA ALA A 200 2.37 21.41 -15.02
C ALA A 200 2.59 21.93 -16.44
N GLU A 201 2.08 23.14 -16.71
CA GLU A 201 2.23 23.76 -18.03
C GLU A 201 3.70 24.05 -18.31
N LYS A 202 4.42 24.57 -17.33
CA LYS A 202 5.83 24.86 -17.51
C LYS A 202 6.63 23.58 -17.77
N LYS A 203 6.34 22.51 -17.05
CA LYS A 203 7.07 21.27 -17.26
C LYS A 203 6.82 20.73 -18.68
N LEU A 204 5.58 20.78 -19.12
CA LEU A 204 5.24 20.30 -20.46
C LEU A 204 6.03 21.08 -21.52
N GLN A 205 6.08 22.40 -21.38
CA GLN A 205 6.80 23.25 -22.33
C GLN A 205 8.23 22.79 -22.57
N LYS A 206 8.90 22.33 -21.51
CA LYS A 206 10.28 21.85 -21.63
C LYS A 206 10.42 20.77 -22.70
N TYR A 207 9.38 19.96 -22.88
CA TYR A 207 9.42 18.88 -23.86
C TYR A 207 8.66 19.21 -25.13
N LEU A 208 8.15 20.44 -25.22
CA LEU A 208 7.38 20.92 -26.36
C LEU A 208 5.93 20.45 -26.35
N ILE B 4 -26.72 -21.16 -14.05
CA ILE B 4 -25.28 -21.21 -13.62
C ILE B 4 -24.91 -19.94 -12.87
N GLN B 5 -24.06 -20.11 -11.86
CA GLN B 5 -23.62 -18.98 -11.05
C GLN B 5 -22.51 -19.41 -10.11
N PHE B 6 -21.90 -18.42 -9.47
CA PHE B 6 -20.83 -18.63 -8.50
C PHE B 6 -21.43 -18.29 -7.15
N LYS B 7 -20.98 -18.95 -6.08
CA LYS B 7 -21.50 -18.64 -4.76
C LYS B 7 -20.80 -17.36 -4.28
N LYS B 8 -21.54 -16.50 -3.59
CA LYS B 8 -20.99 -15.23 -3.11
C LYS B 8 -20.36 -15.36 -1.73
N TYR B 9 -19.46 -14.42 -1.41
CA TYR B 9 -18.80 -14.40 -0.12
C TYR B 9 -19.63 -13.67 0.92
N GLU B 10 -19.44 -14.02 2.19
CA GLU B 10 -20.17 -13.38 3.27
C GLU B 10 -19.24 -12.79 4.33
N LEU B 11 -19.60 -11.63 4.84
CA LEU B 11 -18.79 -10.98 5.86
C LEU B 11 -18.97 -11.75 7.16
N PRO B 12 -17.86 -12.26 7.73
CA PRO B 12 -17.94 -13.00 8.99
C PRO B 12 -18.09 -12.03 10.14
N PRO B 13 -18.71 -12.46 11.25
CA PRO B 13 -18.89 -11.57 12.39
C PRO B 13 -17.56 -11.39 13.14
N LEU B 14 -17.37 -10.20 13.70
CA LEU B 14 -16.15 -9.91 14.46
C LEU B 14 -16.28 -10.74 15.74
N PRO B 15 -15.22 -11.46 16.11
CA PRO B 15 -15.24 -12.31 17.32
C PRO B 15 -15.20 -11.60 18.68
N TYR B 16 -15.32 -10.27 18.68
CA TYR B 16 -15.29 -9.49 19.91
C TYR B 16 -15.78 -8.07 19.65
N LYS B 17 -15.89 -7.28 20.70
CA LYS B 17 -16.34 -5.89 20.60
C LYS B 17 -15.26 -5.08 19.90
N ILE B 18 -15.66 -4.03 19.19
CA ILE B 18 -14.70 -3.21 18.46
C ILE B 18 -13.65 -2.54 19.36
N ASP B 19 -13.91 -2.51 20.66
CA ASP B 19 -12.96 -1.88 21.59
C ASP B 19 -12.19 -2.88 22.45
N ALA B 20 -12.37 -4.17 22.16
CA ALA B 20 -11.72 -5.23 22.92
C ALA B 20 -10.21 -5.30 22.79
N LEU B 21 -9.65 -4.67 21.75
CA LEU B 21 -8.20 -4.72 21.56
C LEU B 21 -7.46 -3.52 22.12
N GLU B 22 -8.20 -2.62 22.77
CA GLU B 22 -7.56 -1.45 23.36
C GLU B 22 -6.72 -1.90 24.56
N PRO B 23 -5.67 -1.13 24.90
CA PRO B 23 -5.21 0.10 24.25
C PRO B 23 -4.23 -0.10 23.08
N TYR B 24 -4.04 -1.35 22.66
CA TYR B 24 -3.11 -1.64 21.57
C TYR B 24 -3.62 -1.24 20.18
N ILE B 25 -4.91 -1.41 19.93
CA ILE B 25 -5.53 -1.02 18.67
C ILE B 25 -6.85 -0.39 19.06
N SER B 26 -6.97 0.92 18.85
CA SER B 26 -8.16 1.65 19.22
C SER B 26 -9.43 1.22 18.51
N LYS B 27 -10.57 1.41 19.17
CA LYS B 27 -11.85 1.05 18.59
C LYS B 27 -12.12 1.84 17.30
N ASP B 28 -11.54 3.03 17.21
CA ASP B 28 -11.72 3.87 16.02
C ASP B 28 -11.19 3.16 14.79
N ILE B 29 -10.04 2.50 14.94
CA ILE B 29 -9.45 1.77 13.83
C ILE B 29 -10.27 0.52 13.50
N ILE B 30 -10.53 -0.31 14.52
CA ILE B 30 -11.29 -1.54 14.32
C ILE B 30 -12.63 -1.31 13.63
N ASP B 31 -13.33 -0.26 14.04
CA ASP B 31 -14.63 0.07 13.49
C ASP B 31 -14.57 0.23 11.95
N VAL B 32 -13.76 1.16 11.47
CA VAL B 32 -13.64 1.40 10.04
C VAL B 32 -12.92 0.25 9.32
N HIS B 33 -11.99 -0.40 10.01
CA HIS B 33 -11.24 -1.50 9.43
C HIS B 33 -12.17 -2.67 9.09
N TYR B 34 -13.11 -2.96 9.97
CA TYR B 34 -14.06 -4.05 9.77
C TYR B 34 -15.27 -3.62 8.95
N ASN B 35 -15.94 -2.56 9.38
CA ASN B 35 -17.13 -2.07 8.69
C ASN B 35 -16.86 -1.33 7.38
N GLY B 36 -15.65 -0.85 7.19
CA GLY B 36 -15.34 -0.15 5.96
C GLY B 36 -14.53 -0.99 4.99
N HIS B 37 -13.28 -1.25 5.35
CA HIS B 37 -12.37 -2.02 4.52
C HIS B 37 -12.77 -3.46 4.27
N HIS B 38 -12.90 -4.27 5.32
CA HIS B 38 -13.26 -5.68 5.13
C HIS B 38 -14.59 -5.83 4.41
N LYS B 39 -15.60 -5.09 4.83
CA LYS B 39 -16.89 -5.20 4.17
C LYS B 39 -16.73 -4.82 2.69
N GLY B 40 -15.90 -3.81 2.42
CA GLY B 40 -15.65 -3.39 1.05
C GLY B 40 -15.10 -4.48 0.14
N TYR B 41 -14.24 -5.34 0.68
CA TYR B 41 -13.65 -6.45 -0.09
C TYR B 41 -14.75 -7.52 -0.28
N VAL B 42 -15.64 -7.81 0.66
CA VAL B 42 -16.65 -8.82 0.40
C VAL B 42 -17.52 -8.33 -0.75
N ASN B 43 -17.95 -7.07 -0.67
CA ASN B 43 -18.78 -6.46 -1.71
C ASN B 43 -18.05 -6.40 -3.06
N GLY B 44 -16.79 -6.02 -3.04
CA GLY B 44 -16.02 -5.93 -4.27
C GLY B 44 -15.84 -7.28 -4.94
N ALA B 45 -15.63 -8.31 -4.13
CA ALA B 45 -15.46 -9.65 -4.69
C ALA B 45 -16.77 -10.13 -5.31
N ASN B 46 -17.87 -10.04 -4.55
CA ASN B 46 -19.16 -10.48 -5.06
C ASN B 46 -19.55 -9.74 -6.32
N SER B 47 -19.31 -8.43 -6.35
CA SER B 47 -19.62 -7.62 -7.51
C SER B 47 -18.88 -8.14 -8.75
N LEU B 48 -17.61 -8.48 -8.61
CA LEU B 48 -16.83 -8.99 -9.72
C LEU B 48 -17.21 -10.43 -10.12
N LEU B 49 -17.67 -11.23 -9.15
CA LEU B 49 -18.07 -12.60 -9.49
C LEU B 49 -19.30 -12.51 -10.38
N GLU B 50 -20.17 -11.56 -10.06
CA GLU B 50 -21.37 -11.33 -10.80
C GLU B 50 -21.02 -10.97 -12.24
N ARG B 51 -20.02 -10.10 -12.41
CA ARG B 51 -19.58 -9.67 -13.72
C ARG B 51 -18.93 -10.80 -14.49
N LEU B 52 -18.21 -11.67 -13.80
CA LEU B 52 -17.56 -12.81 -14.42
C LEU B 52 -18.62 -13.80 -14.89
N GLU B 53 -19.70 -13.92 -14.13
CA GLU B 53 -20.81 -14.81 -14.48
C GLU B 53 -21.37 -14.38 -15.83
N LYS B 54 -21.48 -13.07 -16.03
CA LYS B 54 -22.00 -12.53 -17.28
C LYS B 54 -21.09 -12.88 -18.45
N VAL B 55 -19.77 -12.92 -18.21
CA VAL B 55 -18.83 -13.26 -19.26
C VAL B 55 -19.02 -14.75 -19.59
N VAL B 56 -19.14 -15.58 -18.55
CA VAL B 56 -19.33 -17.00 -18.74
C VAL B 56 -20.63 -17.32 -19.48
N LYS B 57 -21.73 -16.68 -19.09
CA LYS B 57 -23.03 -16.92 -19.73
C LYS B 57 -23.13 -16.33 -21.13
N GLY B 58 -22.34 -15.30 -21.41
CA GLY B 58 -22.39 -14.70 -22.72
C GLY B 58 -23.22 -13.42 -22.76
N ASP B 59 -23.67 -12.95 -21.60
CA ASP B 59 -24.44 -11.70 -21.55
C ASP B 59 -23.51 -10.56 -21.89
N LEU B 60 -22.21 -10.77 -21.68
CA LEU B 60 -21.20 -9.77 -22.03
C LEU B 60 -20.45 -10.37 -23.20
N GLN B 61 -20.52 -9.72 -24.35
CA GLN B 61 -19.84 -10.22 -25.54
C GLN B 61 -18.39 -9.78 -25.57
N THR B 62 -17.60 -10.38 -26.46
CA THR B 62 -16.20 -10.03 -26.57
C THR B 62 -16.11 -8.56 -26.97
N GLY B 63 -15.24 -7.82 -26.28
CA GLY B 63 -15.11 -6.39 -26.56
C GLY B 63 -15.89 -5.58 -25.54
N GLN B 64 -16.61 -6.27 -24.66
CA GLN B 64 -17.39 -5.59 -23.64
C GLN B 64 -16.81 -5.81 -22.25
N TYR B 65 -15.58 -6.31 -22.21
CA TYR B 65 -14.91 -6.54 -20.94
C TYR B 65 -13.43 -6.77 -21.21
N ASP B 66 -12.62 -6.63 -20.16
CA ASP B 66 -11.18 -6.82 -20.27
C ASP B 66 -10.85 -7.81 -19.16
N ILE B 67 -10.77 -9.09 -19.54
CA ILE B 67 -10.53 -10.18 -18.62
C ILE B 67 -9.47 -9.98 -17.51
N GLN B 68 -8.31 -9.42 -17.84
CA GLN B 68 -7.30 -9.21 -16.80
C GLN B 68 -7.78 -8.26 -15.69
N GLY B 69 -8.64 -7.30 -16.05
CA GLY B 69 -9.15 -6.39 -15.05
C GLY B 69 -10.02 -7.13 -14.04
N ILE B 70 -10.82 -8.08 -14.54
CA ILE B 70 -11.71 -8.86 -13.69
C ILE B 70 -10.94 -9.85 -12.83
N ILE B 71 -10.07 -10.65 -13.46
CA ILE B 71 -9.27 -11.65 -12.77
C ILE B 71 -8.34 -11.05 -11.72
N ARG B 72 -7.60 -10.00 -12.08
CA ARG B 72 -6.69 -9.37 -11.14
C ARG B 72 -7.49 -8.69 -10.02
N GLY B 73 -8.67 -8.17 -10.35
CA GLY B 73 -9.51 -7.53 -9.35
C GLY B 73 -10.05 -8.55 -8.36
N LEU B 74 -10.24 -9.79 -8.82
CA LEU B 74 -10.74 -10.84 -7.93
C LEU B 74 -9.69 -11.30 -6.93
N THR B 75 -8.44 -11.45 -7.36
CA THR B 75 -7.41 -11.86 -6.43
C THR B 75 -7.19 -10.77 -5.37
N PHE B 76 -7.35 -9.51 -5.78
CA PHE B 76 -7.21 -8.39 -4.86
C PHE B 76 -8.31 -8.44 -3.80
N ASN B 77 -9.56 -8.47 -4.24
CA ASN B 77 -10.70 -8.48 -3.34
C ASN B 77 -10.90 -9.78 -2.55
N ILE B 78 -10.70 -10.93 -3.19
CA ILE B 78 -10.88 -12.19 -2.50
C ILE B 78 -9.84 -12.33 -1.37
N ASN B 79 -8.58 -11.97 -1.66
CA ASN B 79 -7.55 -12.04 -0.64
C ASN B 79 -7.81 -10.97 0.40
N GLY B 80 -8.32 -9.83 -0.05
CA GLY B 80 -8.64 -8.76 0.89
C GLY B 80 -9.60 -9.31 1.92
N HIS B 81 -10.57 -10.10 1.47
CA HIS B 81 -11.55 -10.69 2.37
C HIS B 81 -10.96 -11.82 3.23
N LYS B 82 -10.40 -12.84 2.58
CA LYS B 82 -9.83 -13.96 3.32
C LYS B 82 -8.78 -13.57 4.34
N LEU B 83 -7.86 -12.68 3.96
CA LEU B 83 -6.80 -12.28 4.88
C LEU B 83 -7.31 -11.52 6.10
N HIS B 84 -8.33 -10.68 5.93
CA HIS B 84 -8.86 -9.96 7.07
C HIS B 84 -9.61 -10.91 8.01
N ALA B 85 -10.27 -11.92 7.44
CA ALA B 85 -11.01 -12.90 8.24
C ALA B 85 -10.03 -13.64 9.14
N LEU B 86 -8.85 -13.95 8.62
CA LEU B 86 -7.84 -14.64 9.39
C LEU B 86 -7.27 -13.69 10.46
N TYR B 87 -7.12 -12.42 10.09
CA TYR B 87 -6.58 -11.40 10.99
C TYR B 87 -7.40 -11.24 12.28
N TRP B 88 -8.72 -11.07 12.15
CA TRP B 88 -9.59 -10.92 13.30
C TRP B 88 -9.48 -12.12 14.25
N GLU B 89 -9.52 -13.32 13.69
CA GLU B 89 -9.43 -14.56 14.47
C GLU B 89 -8.04 -14.79 15.09
N ASN B 90 -7.03 -14.13 14.54
CA ASN B 90 -5.67 -14.28 15.03
C ASN B 90 -5.37 -13.37 16.22
N MET B 91 -6.34 -12.53 16.60
CA MET B 91 -6.15 -11.64 17.73
C MET B 91 -7.24 -11.88 18.78
N ALA B 92 -6.94 -11.48 20.02
CA ALA B 92 -7.89 -11.64 21.12
C ALA B 92 -7.68 -10.55 22.15
N PRO B 93 -8.71 -10.23 22.95
CA PRO B 93 -8.60 -9.19 23.98
C PRO B 93 -7.37 -9.48 24.85
N SER B 94 -6.66 -8.43 25.25
CA SER B 94 -5.48 -8.63 26.10
C SER B 94 -5.90 -9.34 27.39
N GLY B 95 -5.11 -10.32 27.79
CA GLY B 95 -5.45 -11.09 28.98
C GLY B 95 -5.77 -12.47 28.44
N LYS B 96 -6.45 -12.50 27.30
CA LYS B 96 -6.79 -13.75 26.64
C LYS B 96 -5.75 -13.87 25.52
N GLY B 97 -5.38 -12.73 24.95
CA GLY B 97 -4.39 -12.71 23.88
C GLY B 97 -3.00 -12.41 24.43
N GLY B 98 -2.02 -12.33 23.55
CA GLY B 98 -0.66 -12.05 23.97
C GLY B 98 -0.02 -13.15 24.78
N GLY B 99 1.15 -12.87 25.32
CA GLY B 99 1.86 -13.87 26.11
C GLY B 99 2.79 -14.73 25.28
N LYS B 100 2.79 -16.02 25.57
CA LYS B 100 3.65 -16.96 24.87
C LYS B 100 2.83 -18.12 24.35
N PRO B 101 3.31 -18.79 23.29
CA PRO B 101 2.58 -19.94 22.74
C PRO B 101 2.91 -21.21 23.53
N GLY B 102 2.04 -22.21 23.42
CA GLY B 102 2.26 -23.48 24.10
C GLY B 102 2.03 -24.63 23.14
N GLY B 103 1.76 -25.81 23.68
CA GLY B 103 1.51 -26.96 22.84
C GLY B 103 2.56 -27.22 21.79
N ALA B 104 2.13 -27.77 20.66
CA ALA B 104 3.02 -28.10 19.56
C ALA B 104 3.65 -26.88 18.89
N LEU B 105 2.90 -25.77 18.80
CA LEU B 105 3.43 -24.56 18.17
C LEU B 105 4.67 -24.07 18.90
N ALA B 106 4.63 -24.12 20.23
CA ALA B 106 5.76 -23.70 21.05
C ALA B 106 6.94 -24.61 20.76
N ASP B 107 6.65 -25.89 20.62
CA ASP B 107 7.65 -26.92 20.34
C ASP B 107 8.39 -26.69 19.04
N LEU B 108 7.64 -26.50 17.96
CA LEU B 108 8.24 -26.29 16.65
C LEU B 108 9.06 -25.01 16.64
N ILE B 109 8.56 -23.97 17.30
CA ILE B 109 9.28 -22.70 17.36
C ILE B 109 10.64 -22.90 18.03
N ASN B 110 10.67 -23.67 19.12
CA ASN B 110 11.92 -23.92 19.82
C ASN B 110 12.89 -24.71 18.97
N LYS B 111 12.39 -25.68 18.21
CA LYS B 111 13.26 -26.50 17.36
C LYS B 111 13.83 -25.78 16.14
N GLN B 112 13.07 -24.82 15.63
CA GLN B 112 13.49 -24.12 14.43
C GLN B 112 14.09 -22.74 14.68
N TYR B 113 13.69 -22.08 15.75
CA TYR B 113 14.22 -20.76 16.02
C TYR B 113 15.04 -20.68 17.31
N GLY B 114 15.05 -21.78 18.08
CA GLY B 114 15.81 -21.81 19.32
C GLY B 114 15.00 -21.41 20.53
N SER B 115 14.09 -20.45 20.36
CA SER B 115 13.25 -19.98 21.46
C SER B 115 12.21 -19.03 20.94
N PHE B 116 11.17 -18.81 21.75
CA PHE B 116 10.13 -17.88 21.36
C PHE B 116 10.73 -16.47 21.21
N ASP B 117 11.63 -16.11 22.13
CA ASP B 117 12.25 -14.79 22.13
C ASP B 117 13.04 -14.51 20.86
N ARG B 118 13.76 -15.50 20.35
CA ARG B 118 14.51 -15.31 19.11
C ARG B 118 13.54 -15.23 17.94
N PHE B 119 12.54 -16.09 17.93
CA PHE B 119 11.54 -16.10 16.88
C PHE B 119 10.89 -14.72 16.78
N LYS B 120 10.53 -14.18 17.93
CA LYS B 120 9.89 -12.88 18.03
C LYS B 120 10.76 -11.78 17.41
N GLN B 121 12.07 -11.86 17.63
CA GLN B 121 13.00 -10.87 17.09
C GLN B 121 13.07 -10.93 15.57
N VAL B 122 13.19 -12.16 15.05
CA VAL B 122 13.28 -12.38 13.62
C VAL B 122 11.99 -12.01 12.87
N PHE B 123 10.86 -12.32 13.48
CA PHE B 123 9.57 -12.00 12.87
C PHE B 123 9.36 -10.48 12.82
N THR B 124 9.72 -9.82 13.91
CA THR B 124 9.58 -8.38 14.04
C THR B 124 10.49 -7.69 13.03
N GLU B 125 11.72 -8.17 12.91
CA GLU B 125 12.69 -7.59 11.98
C GLU B 125 12.16 -7.73 10.55
N THR B 126 11.66 -8.92 10.22
CA THR B 126 11.13 -9.20 8.90
C THR B 126 9.90 -8.34 8.59
N ALA B 127 9.01 -8.20 9.56
CA ALA B 127 7.80 -7.40 9.39
C ALA B 127 8.11 -5.91 9.17
N ASN B 128 9.15 -5.42 9.83
CA ASN B 128 9.51 -4.01 9.67
C ASN B 128 10.24 -3.73 8.38
N SER B 129 10.72 -4.77 7.70
CA SER B 129 11.46 -4.60 6.46
C SER B 129 10.56 -4.51 5.22
N LEU B 130 9.28 -4.82 5.38
CA LEU B 130 8.35 -4.80 4.26
C LEU B 130 8.31 -3.42 3.58
N PRO B 131 8.69 -3.35 2.30
CA PRO B 131 8.69 -2.09 1.56
C PRO B 131 7.32 -1.66 1.05
N GLY B 132 6.56 -0.98 1.90
CA GLY B 132 5.23 -0.53 1.49
C GLY B 132 4.14 -1.22 2.28
N THR B 133 2.95 -1.31 1.71
CA THR B 133 1.83 -1.93 2.39
C THR B 133 1.78 -3.44 2.11
N GLY B 134 1.29 -4.20 3.07
CA GLY B 134 1.22 -5.64 2.91
C GLY B 134 0.93 -6.36 4.21
N TRP B 135 1.44 -7.58 4.34
CA TRP B 135 1.23 -8.40 5.53
C TRP B 135 2.49 -9.17 5.89
N ALA B 136 2.55 -9.60 7.14
CA ALA B 136 3.66 -10.40 7.63
C ALA B 136 2.94 -11.65 8.11
N VAL B 137 3.36 -12.82 7.65
CA VAL B 137 2.70 -14.04 8.07
C VAL B 137 3.66 -15.16 8.43
N LEU B 138 3.16 -16.12 9.19
CA LEU B 138 3.92 -17.28 9.56
C LEU B 138 3.15 -18.44 8.98
N TYR B 139 3.77 -19.17 8.06
CA TYR B 139 3.15 -20.32 7.43
C TYR B 139 3.57 -21.61 8.13
N TYR B 140 2.79 -22.66 7.88
CA TYR B 140 3.16 -23.98 8.35
C TYR B 140 3.18 -24.72 7.02
N ASP B 141 4.37 -25.02 6.52
CA ASP B 141 4.50 -25.73 5.25
C ASP B 141 4.24 -27.21 5.53
N THR B 142 3.12 -27.73 5.03
CA THR B 142 2.78 -29.13 5.26
C THR B 142 3.77 -30.07 4.58
N GLU B 143 4.52 -29.58 3.60
CA GLU B 143 5.47 -30.43 2.90
C GLU B 143 6.77 -30.65 3.68
N SER B 144 7.38 -29.56 4.14
CA SER B 144 8.64 -29.64 4.86
C SER B 144 8.50 -29.65 6.38
N GLY B 145 7.40 -29.11 6.88
CA GLY B 145 7.19 -29.04 8.31
C GLY B 145 7.76 -27.74 8.86
N ASN B 146 8.28 -26.88 7.97
CA ASN B 146 8.87 -25.61 8.38
C ASN B 146 7.86 -24.54 8.72
N LEU B 147 8.18 -23.74 9.74
CA LEU B 147 7.34 -22.61 10.09
C LEU B 147 8.00 -21.48 9.29
N GLN B 148 7.50 -21.26 8.08
CA GLN B 148 8.04 -20.28 7.16
C GLN B 148 7.51 -18.85 7.27
N ILE B 149 8.40 -17.92 7.57
CA ILE B 149 8.02 -16.50 7.66
C ILE B 149 7.94 -15.93 6.25
N MET B 150 7.03 -14.99 6.04
CA MET B 150 6.88 -14.38 4.72
C MET B 150 6.20 -13.02 4.81
N THR B 151 6.58 -12.11 3.92
CA THR B 151 5.94 -10.79 3.87
C THR B 151 5.19 -10.72 2.53
N PHE B 152 3.93 -10.30 2.56
CA PHE B 152 3.13 -10.15 1.35
C PHE B 152 3.18 -8.67 0.97
N GLU B 153 3.09 -8.37 -0.33
CA GLU B 153 3.04 -6.99 -0.77
C GLU B 153 1.59 -6.88 -1.27
N ASN B 154 0.89 -5.83 -0.88
CA ASN B 154 -0.52 -5.68 -1.19
C ASN B 154 -1.17 -6.93 -0.56
N HIS B 155 -2.32 -7.39 -1.07
CA HIS B 155 -2.97 -8.57 -0.50
C HIS B 155 -2.68 -9.86 -1.27
N PHE B 156 -2.13 -9.72 -2.48
CA PHE B 156 -1.93 -10.86 -3.34
C PHE B 156 -0.54 -11.19 -3.88
N GLN B 157 0.50 -10.57 -3.34
CA GLN B 157 1.83 -10.89 -3.85
C GLN B 157 2.71 -11.51 -2.79
N ASN B 158 3.47 -12.52 -3.21
CA ASN B 158 4.41 -13.26 -2.38
C ASN B 158 3.86 -14.48 -1.62
N HIS B 159 2.59 -14.83 -1.85
CA HIS B 159 2.03 -16.00 -1.17
C HIS B 159 2.79 -17.25 -1.56
N ILE B 160 2.62 -18.30 -0.77
CA ILE B 160 3.21 -19.60 -1.07
C ILE B 160 1.99 -20.50 -1.24
N ALA B 161 1.94 -21.20 -2.37
CA ALA B 161 0.81 -22.05 -2.70
C ALA B 161 0.31 -23.06 -1.67
N GLU B 162 -1.01 -23.13 -1.58
CA GLU B 162 -1.74 -24.08 -0.74
C GLU B 162 -1.50 -24.23 0.77
N ILE B 163 -0.33 -23.87 1.28
CA ILE B 163 -0.11 -24.07 2.72
C ILE B 163 -0.87 -23.12 3.64
N PRO B 164 -1.19 -23.59 4.86
CA PRO B 164 -1.93 -22.82 5.87
C PRO B 164 -1.17 -21.69 6.56
N ILE B 165 -1.90 -20.61 6.85
CA ILE B 165 -1.35 -19.43 7.53
C ILE B 165 -1.65 -19.58 9.03
N ILE B 166 -0.60 -19.55 9.85
CA ILE B 166 -0.73 -19.69 11.30
C ILE B 166 -0.80 -18.35 12.03
N LEU B 167 0.04 -17.41 11.61
CA LEU B 167 0.07 -16.07 12.19
C LEU B 167 -0.02 -15.05 11.06
N ILE B 168 -0.78 -13.98 11.27
CA ILE B 168 -0.92 -12.98 10.24
C ILE B 168 -1.03 -11.57 10.83
N LEU B 169 -0.21 -10.66 10.32
CA LEU B 169 -0.22 -9.28 10.79
C LEU B 169 -0.49 -8.33 9.62
N ASP B 170 -1.56 -7.56 9.73
CA ASP B 170 -1.92 -6.60 8.68
C ASP B 170 -0.98 -5.40 8.75
N GLU B 171 -0.29 -5.11 7.65
CA GLU B 171 0.62 -3.98 7.65
C GLU B 171 0.25 -2.88 6.66
N PHE B 172 -1.04 -2.75 6.37
CA PHE B 172 -1.50 -1.68 5.50
C PHE B 172 -1.57 -0.51 6.46
N GLU B 173 -1.37 0.70 5.97
CA GLU B 173 -1.40 1.87 6.83
C GLU B 173 -2.71 2.05 7.56
N HIS B 174 -3.82 1.61 6.98
CA HIS B 174 -5.12 1.77 7.62
C HIS B 174 -5.25 0.94 8.89
N ALA B 175 -4.37 -0.05 9.06
CA ALA B 175 -4.45 -0.90 10.24
C ALA B 175 -3.89 -0.22 11.49
N TYR B 176 -3.19 0.90 11.31
CA TYR B 176 -2.58 1.56 12.46
C TYR B 176 -2.43 3.08 12.41
N TYR B 177 -2.55 3.67 11.22
CA TYR B 177 -2.35 5.11 11.07
C TYR B 177 -3.05 6.06 12.02
N LEU B 178 -4.35 5.87 12.22
CA LEU B 178 -5.11 6.74 13.11
C LEU B 178 -4.54 6.85 14.52
N GLN B 179 -3.93 5.76 15.00
CA GLN B 179 -3.37 5.74 16.34
C GLN B 179 -1.86 5.92 16.37
N TYR B 180 -1.15 5.25 15.48
CA TYR B 180 0.31 5.31 15.46
C TYR B 180 0.92 6.19 14.39
N LYS B 181 0.10 6.75 13.50
CA LYS B 181 0.64 7.57 12.41
C LYS B 181 1.67 6.76 11.63
N ASN B 182 2.82 7.37 11.33
CA ASN B 182 3.87 6.72 10.57
C ASN B 182 4.77 5.79 11.39
N LYS B 183 4.47 5.63 12.68
CA LYS B 183 5.27 4.77 13.55
C LYS B 183 4.83 3.31 13.45
N ARG B 184 4.95 2.74 12.25
CA ARG B 184 4.55 1.36 12.03
C ARG B 184 5.18 0.38 13.03
N ALA B 185 6.46 0.56 13.31
CA ALA B 185 7.18 -0.33 14.23
C ALA B 185 6.58 -0.41 15.63
N ASP B 186 6.01 0.70 16.11
CA ASP B 186 5.41 0.70 17.43
C ASP B 186 4.15 -0.16 17.40
N TYR B 187 3.51 -0.18 16.24
CA TYR B 187 2.29 -0.96 16.03
C TYR B 187 2.64 -2.45 16.07
N VAL B 188 3.72 -2.81 15.40
CA VAL B 188 4.16 -4.20 15.36
C VAL B 188 4.48 -4.68 16.77
N ASN B 189 5.12 -3.80 17.54
CA ASN B 189 5.50 -4.11 18.91
C ASN B 189 4.26 -4.33 19.78
N ALA B 190 3.27 -3.45 19.63
CA ALA B 190 2.04 -3.53 20.41
C ALA B 190 1.23 -4.77 20.07
N TRP B 191 1.31 -5.18 18.82
CA TRP B 191 0.58 -6.32 18.30
C TRP B 191 0.79 -7.63 19.06
N TRP B 192 2.02 -7.87 19.51
CA TRP B 192 2.31 -9.11 20.24
C TRP B 192 1.46 -9.30 21.49
N ASN B 193 0.93 -8.21 22.02
CA ASN B 193 0.11 -8.27 23.22
C ASN B 193 -1.31 -8.76 22.99
N VAL B 194 -1.73 -8.88 21.73
CA VAL B 194 -3.08 -9.35 21.41
C VAL B 194 -3.12 -10.58 20.52
N VAL B 195 -1.97 -11.20 20.29
CA VAL B 195 -1.94 -12.39 19.44
C VAL B 195 -2.70 -13.54 20.10
N ASN B 196 -3.55 -14.20 19.34
CA ASN B 196 -4.32 -15.32 19.86
C ASN B 196 -3.56 -16.62 19.69
N TRP B 197 -2.63 -16.91 20.59
CA TRP B 197 -1.85 -18.14 20.49
C TRP B 197 -2.70 -19.41 20.56
N ASP B 198 -3.82 -19.37 21.29
CA ASP B 198 -4.69 -20.53 21.40
C ASP B 198 -5.28 -20.88 20.02
N ALA B 199 -5.77 -19.87 19.32
CA ALA B 199 -6.35 -20.07 18.00
C ALA B 199 -5.29 -20.59 17.04
N ALA B 200 -4.09 -20.01 17.11
CA ALA B 200 -2.99 -20.43 16.23
C ALA B 200 -2.62 -21.88 16.50
N GLU B 201 -2.63 -22.27 17.78
CA GLU B 201 -2.30 -23.64 18.18
C GLU B 201 -3.34 -24.61 17.63
N LYS B 202 -4.61 -24.25 17.72
CA LYS B 202 -5.67 -25.12 17.20
C LYS B 202 -5.57 -25.28 15.69
N LYS B 203 -5.26 -24.21 14.97
CA LYS B 203 -5.15 -24.32 13.52
C LYS B 203 -3.98 -25.23 13.14
N LEU B 204 -2.85 -25.09 13.83
CA LEU B 204 -1.70 -25.92 13.55
C LEU B 204 -2.04 -27.40 13.75
N GLN B 205 -2.73 -27.72 14.84
CA GLN B 205 -3.12 -29.10 15.14
C GLN B 205 -3.83 -29.78 13.97
N LYS B 206 -4.68 -29.04 13.29
CA LYS B 206 -5.40 -29.58 12.14
C LYS B 206 -4.47 -30.20 11.10
N TYR B 207 -3.26 -29.65 10.96
CA TYR B 207 -2.30 -30.17 9.98
C TYR B 207 -1.20 -31.01 10.63
N LEU B 208 -1.34 -31.25 11.92
CA LEU B 208 -0.37 -32.03 12.71
C LEU B 208 0.88 -31.24 13.07
#